data_3V1N
#
_entry.id   3V1N
#
_cell.length_a   116.641
_cell.length_b   116.641
_cell.length_c   87.591
_cell.angle_alpha   90.000
_cell.angle_beta   90.000
_cell.angle_gamma   90.000
#
_symmetry.space_group_name_H-M   'I 41 2 2'
#
loop_
_entity.id
_entity.type
_entity.pdbx_description
1 polymer '2-hydroxy-6-oxo-6-phenylhexa-2,4-dienoate hydrolase'
2 non-polymer 'MALONIC ACID'
3 non-polymer 'BENZOIC ACID'
4 non-polymer (3E)-2,6-DIOXO-6-PHENYLHEX-3-ENOATE
5 water water
#
_entity_poly.entity_id   1
_entity_poly.type   'polypeptide(L)'
_entity_poly.pdbx_seq_one_letter_code
;MTALTESSTSKFVKINEKGFSDFNIHYNEAGNGETVIMLHGGGPGAGGWSNYYRNVGPFVDAGYRVILKDSPGFNKSDAV
VMDEQRGLVNARAVKGLMDALDIDRAHLVGNSMGGATALNFALEYPDRIGKLILMGPGGLGPSMFAPMPMEGIKLLFKLY
AEPSYETLKQMLQVFLYDQSLITEELLQGRWEAIQRQPEHLKNFLISAQKAPLSTWDVTARLGEIKAKTFITWGRDDRFV
PLDHGLKLLWNIDDARLHVFSKCGQWAQWEHADEFNRLVIDFLRHA
;
_entity_poly.pdbx_strand_id   A
#
loop_
_chem_comp.id
_chem_comp.type
_chem_comp.name
_chem_comp.formula
BEZ non-polymer 'BENZOIC ACID' 'C7 H6 O2'
HPK non-polymer (3E)-2,6-DIOXO-6-PHENYLHEX-3-ENOATE 'C12 H9 O4 -1'
MLA non-polymer 'MALONIC ACID' 'C3 H4 O4'
#
# COMPACT_ATOMS: atom_id res chain seq x y z
N LEU A 4 13.20 4.18 -16.83
CA LEU A 4 12.88 2.96 -16.04
C LEU A 4 11.62 2.31 -16.58
N THR A 5 11.64 0.98 -16.65
CA THR A 5 10.47 0.22 -17.06
C THR A 5 10.25 -0.91 -16.06
N GLU A 6 9.04 -1.47 -16.09
CA GLU A 6 8.71 -2.59 -15.23
C GLU A 6 9.66 -3.74 -15.47
N SER A 7 9.91 -4.03 -16.75
CA SER A 7 10.76 -5.14 -17.13
CA SER A 7 10.77 -5.15 -17.11
C SER A 7 12.21 -4.98 -16.67
N SER A 8 12.77 -3.78 -16.87
CA SER A 8 14.17 -3.55 -16.54
C SER A 8 14.42 -3.56 -15.03
N THR A 9 13.37 -3.29 -14.24
CA THR A 9 13.53 -3.19 -12.78
C THR A 9 13.05 -4.44 -12.03
N SER A 10 12.43 -5.38 -12.74
CA SER A 10 11.78 -6.54 -12.14
C SER A 10 12.77 -7.52 -11.52
N LYS A 11 12.48 -7.94 -10.28
CA LYS A 11 13.31 -8.90 -9.56
C LYS A 11 12.44 -9.82 -8.73
N PHE A 12 12.99 -10.99 -8.37
CA PHE A 12 12.33 -11.93 -7.48
C PHE A 12 13.28 -12.33 -6.36
N VAL A 13 12.73 -12.56 -5.17
CA VAL A 13 13.53 -13.04 -4.03
C VAL A 13 12.68 -14.00 -3.24
N LYS A 14 13.25 -15.14 -2.82
CA LYS A 14 12.53 -16.11 -1.99
C LYS A 14 12.70 -15.69 -0.54
N ILE A 15 11.62 -15.65 0.23
CA ILE A 15 11.74 -15.25 1.63
C ILE A 15 11.44 -16.37 2.61
N ASN A 16 12.08 -16.26 3.77
CA ASN A 16 11.88 -17.16 4.90
C ASN A 16 11.77 -16.31 6.17
N GLU A 17 10.55 -16.16 6.66
CA GLU A 17 10.34 -15.38 7.88
C GLU A 17 9.06 -15.91 8.46
N LYS A 18 9.10 -16.28 9.73
CA LYS A 18 7.94 -16.83 10.41
C LYS A 18 7.29 -17.92 9.53
N GLY A 19 6.02 -17.75 9.14
N GLY A 19 6.02 -17.75 9.16
CA GLY A 19 5.30 -18.75 8.37
CA GLY A 19 5.29 -18.73 8.35
C GLY A 19 5.80 -18.96 6.95
C GLY A 19 5.42 -18.49 6.85
N PHE A 20 6.59 -18.03 6.43
CA PHE A 20 6.99 -18.05 5.03
C PHE A 20 8.17 -18.99 4.87
N SER A 21 8.02 -19.93 3.92
CA SER A 21 9.09 -20.84 3.59
C SER A 21 9.31 -20.86 2.08
N ASP A 22 10.48 -20.38 1.66
CA ASP A 22 10.84 -20.17 0.24
C ASP A 22 9.69 -19.59 -0.57
N PHE A 23 9.17 -18.47 -0.03
CA PHE A 23 8.05 -17.82 -0.60
C PHE A 23 8.53 -16.75 -1.57
N ASN A 24 8.02 -16.81 -2.79
CA ASN A 24 8.48 -15.94 -3.85
C ASN A 24 7.85 -14.54 -3.75
N ILE A 25 8.71 -13.54 -3.65
CA ILE A 25 8.29 -12.14 -3.65
C ILE A 25 8.85 -11.48 -4.91
N HIS A 26 7.97 -10.83 -5.65
CA HIS A 26 8.35 -9.99 -6.78
C HIS A 26 8.46 -8.56 -6.33
N TYR A 27 9.43 -7.86 -6.87
CA TYR A 27 9.57 -6.43 -6.61
C TYR A 27 10.24 -5.75 -7.80
N ASN A 28 10.08 -4.44 -7.88
CA ASN A 28 10.77 -3.63 -8.88
C ASN A 28 11.73 -2.69 -8.17
N GLU A 29 13.00 -2.72 -8.57
CA GLU A 29 14.04 -1.96 -7.87
C GLU A 29 14.75 -1.01 -8.83
N ALA A 30 14.97 0.22 -8.39
CA ALA A 30 15.77 1.16 -9.15
C ALA A 30 16.51 2.04 -8.16
N GLY A 31 17.62 2.60 -8.60
CA GLY A 31 18.44 3.44 -7.75
C GLY A 31 19.29 2.65 -6.79
N ASN A 32 20.15 3.35 -6.06
CA ASN A 32 21.13 2.69 -5.20
C ASN A 32 21.50 3.37 -3.87
N GLY A 33 20.81 4.48 -3.53
CA GLY A 33 21.01 5.14 -2.23
C GLY A 33 20.20 4.54 -1.09
N GLU A 34 19.85 5.36 -0.10
CA GLU A 34 19.05 4.88 1.03
C GLU A 34 17.77 4.22 0.53
N THR A 35 17.40 3.10 1.13
CA THR A 35 16.26 2.32 0.65
C THR A 35 14.93 2.84 1.12
N VAL A 36 14.02 2.97 0.17
CA VAL A 36 12.61 3.28 0.42
C VAL A 36 11.80 2.13 -0.17
N ILE A 37 11.06 1.43 0.67
CA ILE A 37 10.18 0.33 0.23
C ILE A 37 8.76 0.88 0.15
N MET A 38 8.15 0.78 -1.02
CA MET A 38 6.82 1.29 -1.26
C MET A 38 5.85 0.11 -1.41
N LEU A 39 4.73 0.23 -0.71
CA LEU A 39 3.81 -0.89 -0.45
C LEU A 39 2.43 -0.50 -0.98
N HIS A 40 1.84 -1.37 -1.80
CA HIS A 40 0.61 -1.04 -2.52
C HIS A 40 -0.69 -1.40 -1.79
N GLY A 41 -1.81 -1.01 -2.39
CA GLY A 41 -3.14 -1.23 -1.87
C GLY A 41 -3.67 -2.63 -2.10
N GLY A 42 -4.92 -2.83 -1.71
CA GLY A 42 -5.49 -4.19 -1.69
C GLY A 42 -6.53 -4.52 -2.73
N GLY A 43 -6.75 -3.67 -3.73
CA GLY A 43 -7.75 -3.96 -4.75
C GLY A 43 -7.28 -5.01 -5.75
N PRO A 44 -8.23 -5.67 -6.43
CA PRO A 44 -7.84 -6.68 -7.43
C PRO A 44 -6.88 -6.06 -8.45
N GLY A 45 -5.77 -6.74 -8.68
CA GLY A 45 -4.82 -6.36 -9.71
C GLY A 45 -3.79 -5.36 -9.22
N ALA A 46 -3.84 -5.02 -7.93
CA ALA A 46 -2.84 -4.12 -7.41
C ALA A 46 -1.44 -4.71 -7.46
N GLY A 47 -0.47 -3.81 -7.58
CA GLY A 47 0.92 -4.21 -7.50
C GLY A 47 1.81 -3.00 -7.34
N GLY A 48 3.08 -3.25 -7.08
CA GLY A 48 4.02 -2.15 -6.77
C GLY A 48 4.28 -1.18 -7.91
N TRP A 49 4.58 -1.71 -9.08
CA TRP A 49 4.85 -0.88 -10.25
C TRP A 49 3.69 0.03 -10.63
N SER A 50 2.48 -0.51 -10.75
CA SER A 50 1.35 0.28 -11.16
C SER A 50 0.98 1.32 -10.10
N ASN A 51 1.16 0.97 -8.84
CA ASN A 51 0.78 1.90 -7.78
C ASN A 51 1.71 3.09 -7.70
N TYR A 52 2.98 2.89 -8.06
CA TYR A 52 4.02 3.90 -7.80
C TYR A 52 4.79 4.34 -9.05
N TYR A 53 4.17 4.11 -10.19
CA TYR A 53 4.75 4.43 -11.49
C TYR A 53 5.21 5.88 -11.60
N ARG A 54 4.46 6.81 -11.00
CA ARG A 54 4.77 8.25 -11.14
C ARG A 54 5.75 8.74 -10.08
N ASN A 55 6.16 7.82 -9.20
CA ASN A 55 6.95 8.16 -8.03
C ASN A 55 8.37 7.58 -8.06
N VAL A 56 8.52 6.42 -8.71
CA VAL A 56 9.80 5.72 -8.66
C VAL A 56 10.91 6.59 -9.28
N GLY A 57 10.64 7.23 -10.42
CA GLY A 57 11.65 8.05 -11.10
C GLY A 57 12.14 9.21 -10.25
N PRO A 58 11.20 10.04 -9.79
CA PRO A 58 11.63 11.18 -8.97
C PRO A 58 12.36 10.81 -7.69
N PHE A 59 11.98 9.72 -7.01
CA PHE A 59 12.65 9.29 -5.81
C PHE A 59 14.07 8.80 -6.09
N VAL A 60 14.23 8.05 -7.18
CA VAL A 60 15.57 7.64 -7.62
C VAL A 60 16.42 8.85 -7.97
N ASP A 61 15.84 9.83 -8.66
CA ASP A 61 16.54 11.09 -9.01
C ASP A 61 17.01 11.83 -7.77
N ALA A 62 16.23 11.72 -6.71
CA ALA A 62 16.55 12.34 -5.42
C ALA A 62 17.63 11.58 -4.65
N GLY A 63 18.01 10.40 -5.12
CA GLY A 63 19.10 9.66 -4.47
C GLY A 63 18.73 8.45 -3.66
N TYR A 64 17.47 8.01 -3.73
CA TYR A 64 17.04 6.84 -3.01
C TYR A 64 17.08 5.61 -3.89
N ARG A 65 17.21 4.48 -3.24
CA ARG A 65 16.97 3.19 -3.86
C ARG A 65 15.55 2.85 -3.55
N VAL A 66 14.76 2.72 -4.60
CA VAL A 66 13.34 2.45 -4.47
C VAL A 66 13.04 0.97 -4.73
N ILE A 67 12.31 0.34 -3.81
CA ILE A 67 11.84 -1.03 -3.98
C ILE A 67 10.31 -1.01 -3.96
N LEU A 68 9.70 -1.33 -5.08
CA LEU A 68 8.24 -1.37 -5.24
C LEU A 68 7.86 -2.83 -5.03
N LYS A 69 7.34 -3.16 -3.85
CA LYS A 69 7.17 -4.55 -3.43
C LYS A 69 5.78 -5.05 -3.76
N ASP A 70 5.68 -6.23 -4.35
CA ASP A 70 4.41 -6.91 -4.43
C ASP A 70 4.16 -7.72 -3.15
N SER A 71 3.07 -7.39 -2.46
CA SER A 71 2.75 -8.11 -1.24
C SER A 71 2.28 -9.53 -1.59
N PRO A 72 2.40 -10.45 -0.62
CA PRO A 72 1.91 -11.81 -0.86
C PRO A 72 0.47 -11.84 -1.32
N GLY A 73 0.15 -12.71 -2.30
CA GLY A 73 -1.18 -12.76 -2.84
C GLY A 73 -1.58 -11.64 -3.76
N PHE A 74 -0.58 -10.92 -4.26
CA PHE A 74 -0.79 -9.88 -5.27
C PHE A 74 0.25 -9.96 -6.38
N ASN A 75 -0.21 -9.60 -7.56
CA ASN A 75 0.60 -9.47 -8.76
C ASN A 75 1.55 -10.66 -8.94
N LYS A 76 2.84 -10.45 -9.03
CA LYS A 76 3.77 -11.54 -9.33
C LYS A 76 4.39 -12.23 -8.13
N SER A 77 3.97 -11.85 -6.91
CA SER A 77 4.33 -12.61 -5.75
C SER A 77 3.47 -13.88 -5.64
N ASP A 78 3.95 -14.81 -4.84
CA ASP A 78 3.26 -16.11 -4.68
C ASP A 78 1.84 -15.91 -4.14
N ALA A 79 0.97 -16.84 -4.54
CA ALA A 79 -0.39 -16.91 -4.04
C ALA A 79 -0.37 -17.38 -2.60
N VAL A 80 -1.33 -16.91 -1.81
CA VAL A 80 -1.38 -17.30 -0.39
C VAL A 80 -2.79 -17.06 0.15
N VAL A 81 -3.24 -17.94 1.04
CA VAL A 81 -4.46 -17.71 1.81
C VAL A 81 -3.98 -17.37 3.21
N MET A 82 -4.45 -16.23 3.72
CA MET A 82 -3.99 -15.76 5.02
C MET A 82 -5.10 -16.01 6.02
N ASP A 83 -4.71 -16.51 7.19
CA ASP A 83 -5.66 -16.69 8.30
C ASP A 83 -5.42 -15.64 9.39
N GLU A 84 -4.40 -14.79 9.22
CA GLU A 84 -4.21 -13.66 10.12
C GLU A 84 -4.43 -12.37 9.34
N GLN A 85 -4.61 -11.27 10.08
CA GLN A 85 -4.77 -9.95 9.48
C GLN A 85 -3.62 -9.65 8.50
N ARG A 86 -3.98 -9.08 7.33
CA ARG A 86 -2.99 -8.93 6.22
C ARG A 86 -1.87 -7.98 6.55
N GLY A 87 -2.10 -6.94 7.38
CA GLY A 87 -1.04 -6.02 7.66
C GLY A 87 0.18 -6.66 8.31
N LEU A 88 -0.09 -7.55 9.25
CA LEU A 88 0.96 -8.23 9.98
C LEU A 88 1.71 -9.24 9.09
N VAL A 89 0.94 -10.01 8.35
CA VAL A 89 1.52 -11.04 7.43
C VAL A 89 2.38 -10.33 6.39
N ASN A 90 1.84 -9.24 5.82
CA ASN A 90 2.61 -8.45 4.85
C ASN A 90 3.88 -7.85 5.45
N ALA A 91 3.83 -7.39 6.72
CA ALA A 91 4.96 -6.82 7.38
C ALA A 91 6.07 -7.86 7.59
N ARG A 92 5.69 -9.08 7.91
CA ARG A 92 6.64 -10.19 8.00
C ARG A 92 7.31 -10.41 6.65
N ALA A 93 6.54 -10.33 5.58
CA ALA A 93 7.14 -10.45 4.22
C ALA A 93 8.14 -9.32 3.92
N VAL A 94 7.85 -8.06 4.33
CA VAL A 94 8.81 -7.00 4.17
C VAL A 94 10.10 -7.31 4.93
N LYS A 95 9.97 -7.78 6.17
CA LYS A 95 11.13 -8.15 6.96
C LYS A 95 11.94 -9.22 6.22
N GLY A 96 11.25 -10.23 5.72
CA GLY A 96 11.89 -11.33 4.98
C GLY A 96 12.68 -10.83 3.78
N LEU A 97 12.07 -9.93 3.02
CA LEU A 97 12.75 -9.31 1.89
C LEU A 97 13.96 -8.51 2.33
N MET A 98 13.83 -7.73 3.41
CA MET A 98 14.96 -6.91 3.87
C MET A 98 16.14 -7.79 4.32
N ASP A 99 15.84 -8.87 5.02
CA ASP A 99 16.88 -9.78 5.49
C ASP A 99 17.60 -10.41 4.29
N ALA A 100 16.83 -10.92 3.34
CA ALA A 100 17.39 -11.52 2.11
C ALA A 100 18.30 -10.56 1.34
N LEU A 101 17.97 -9.25 1.31
CA LEU A 101 18.73 -8.28 0.53
C LEU A 101 19.78 -7.50 1.34
N ASP A 102 19.95 -7.82 2.62
CA ASP A 102 20.91 -7.10 3.49
C ASP A 102 20.62 -5.60 3.64
N ILE A 103 19.35 -5.30 3.86
CA ILE A 103 18.92 -3.94 4.11
C ILE A 103 18.67 -3.85 5.62
N ASP A 104 19.42 -2.97 6.27
CA ASP A 104 19.38 -2.84 7.73
C ASP A 104 18.12 -2.05 8.15
N ARG A 105 17.88 -0.94 7.48
CA ARG A 105 16.76 -0.08 7.81
C ARG A 105 16.14 0.39 6.50
N ALA A 106 14.81 0.48 6.45
CA ALA A 106 14.17 1.06 5.27
C ALA A 106 13.19 2.12 5.74
N HIS A 107 13.07 3.14 4.92
CA HIS A 107 11.89 4.03 4.97
C HIS A 107 10.76 3.28 4.32
N LEU A 108 9.55 3.38 4.88
CA LEU A 108 8.37 2.74 4.29
C LEU A 108 7.35 3.75 3.84
N VAL A 109 6.78 3.48 2.66
CA VAL A 109 5.69 4.27 2.09
C VAL A 109 4.58 3.27 1.86
N GLY A 110 3.40 3.51 2.39
CA GLY A 110 2.34 2.51 2.23
C GLY A 110 0.97 3.10 2.06
N ASN A 111 0.24 2.57 1.10
CA ASN A 111 -1.05 3.07 0.71
C ASN A 111 -2.14 2.03 1.03
N SER A 112 -3.16 2.41 1.82
CA SER A 112 -4.29 1.55 2.19
C SER A 112 -3.75 0.28 2.87
N MET A 113 -3.88 -0.88 2.22
CA MET A 113 -3.36 -2.09 2.78
C MET A 113 -1.87 -1.94 3.05
N GLY A 114 -1.14 -1.27 2.16
CA GLY A 114 0.28 -1.02 2.38
C GLY A 114 0.56 -0.12 3.58
N GLY A 115 -0.36 0.79 3.89
CA GLY A 115 -0.24 1.62 5.10
C GLY A 115 -0.45 0.78 6.35
N ALA A 116 -1.40 -0.16 6.30
CA ALA A 116 -1.53 -1.15 7.40
C ALA A 116 -0.26 -1.95 7.53
N THR A 117 0.28 -2.44 6.41
CA THR A 117 1.54 -3.15 6.45
C THR A 117 2.66 -2.36 7.14
N ALA A 118 2.79 -1.10 6.76
CA ALA A 118 3.85 -0.25 7.25
C ALA A 118 3.68 0.00 8.77
N LEU A 119 2.44 0.19 9.19
CA LEU A 119 2.14 0.33 10.64
C LEU A 119 2.57 -0.90 11.41
N ASN A 120 2.17 -2.09 10.94
CA ASN A 120 2.57 -3.34 11.59
C ASN A 120 4.07 -3.54 11.61
N PHE A 121 4.74 -3.19 10.51
CA PHE A 121 6.18 -3.28 10.47
C PHE A 121 6.84 -2.39 11.53
N ALA A 122 6.37 -1.15 11.64
CA ALA A 122 6.93 -0.23 12.63
C ALA A 122 6.70 -0.74 14.03
N LEU A 123 5.59 -1.44 14.26
CA LEU A 123 5.26 -1.95 15.60
C LEU A 123 6.14 -3.16 15.92
N GLU A 124 6.24 -4.07 14.95
CA GLU A 124 6.94 -5.35 15.17
C GLU A 124 8.46 -5.21 15.09
N TYR A 125 8.95 -4.34 14.21
CA TYR A 125 10.37 -4.25 13.93
C TYR A 125 10.87 -2.80 13.97
N PRO A 126 10.78 -2.15 15.16
CA PRO A 126 11.10 -0.72 15.26
C PRO A 126 12.56 -0.38 14.94
N ASP A 127 13.46 -1.34 15.13
CA ASP A 127 14.88 -1.13 14.84
C ASP A 127 15.23 -1.28 13.35
N ARG A 128 14.25 -1.66 12.53
CA ARG A 128 14.44 -1.87 11.09
C ARG A 128 13.76 -0.82 10.23
N ILE A 129 13.07 0.16 10.83
CA ILE A 129 12.37 1.21 10.07
C ILE A 129 13.07 2.54 10.28
N GLY A 130 13.14 3.35 9.23
CA GLY A 130 13.59 4.72 9.31
C GLY A 130 12.36 5.59 9.56
N LYS A 131 11.93 6.27 8.51
CA LYS A 131 10.71 7.09 8.49
C LYS A 131 9.52 6.34 7.92
N LEU A 132 8.33 6.78 8.27
CA LEU A 132 7.09 6.08 7.98
C LEU A 132 6.17 7.05 7.23
N ILE A 133 5.75 6.67 6.03
CA ILE A 133 4.86 7.50 5.23
C ILE A 133 3.57 6.69 4.99
N LEU A 134 2.47 7.23 5.48
CA LEU A 134 1.20 6.51 5.53
C LEU A 134 0.20 7.23 4.66
N MET A 135 -0.23 6.59 3.57
CA MET A 135 -1.16 7.18 2.61
C MET A 135 -2.52 6.48 2.75
N GLY A 136 -3.42 7.06 3.53
CA GLY A 136 -4.73 6.47 3.75
C GLY A 136 -4.69 5.00 4.15
N PRO A 137 -3.98 4.66 5.22
CA PRO A 137 -3.92 3.25 5.70
C PRO A 137 -5.27 2.67 6.01
N GLY A 138 -5.46 1.42 5.64
CA GLY A 138 -6.73 0.73 5.85
C GLY A 138 -6.81 -0.10 7.12
N GLY A 139 -8.04 -0.41 7.50
CA GLY A 139 -8.34 -1.29 8.63
C GLY A 139 -8.21 -0.76 10.06
N LEU A 140 -8.21 0.57 10.24
CA LEU A 140 -8.06 1.21 11.58
C LEU A 140 -9.41 1.44 12.30
N GLY A 141 -10.33 0.52 12.12
CA GLY A 141 -11.53 0.47 12.92
C GLY A 141 -12.61 1.36 12.33
N PRO A 142 -13.63 1.67 13.11
CA PRO A 142 -14.75 2.44 12.61
C PRO A 142 -14.36 3.88 12.35
N SER A 143 -15.11 4.50 11.47
CA SER A 143 -15.03 5.94 11.28
C SER A 143 -16.04 6.61 12.21
N MET A 144 -15.76 7.84 12.61
CA MET A 144 -16.73 8.64 13.36
C MET A 144 -17.83 9.23 12.49
N PHE A 145 -17.62 9.25 11.17
CA PHE A 145 -18.55 9.84 10.16
C PHE A 145 -19.00 8.95 8.99
N ALA A 146 -18.11 8.08 8.53
CA ALA A 146 -18.38 7.30 7.34
C ALA A 146 -19.03 5.96 7.66
N PRO A 147 -20.21 5.71 7.07
CA PRO A 147 -20.74 4.37 7.13
C PRO A 147 -19.75 3.37 6.53
N MET A 148 -19.70 2.18 7.10
N MET A 148 -19.64 2.20 7.17
CA MET A 148 -18.80 1.13 6.64
CA MET A 148 -18.79 1.11 6.70
C MET A 148 -19.53 -0.19 6.47
C MET A 148 -19.63 -0.14 6.38
N PRO A 149 -19.17 -0.96 5.42
CA PRO A 149 -17.99 -0.73 4.56
C PRO A 149 -18.13 0.49 3.65
N MET A 150 -17.04 1.22 3.43
N MET A 150 -17.00 1.16 3.42
CA MET A 150 -17.14 2.38 2.59
CA MET A 150 -16.94 2.30 2.53
C MET A 150 -17.42 2.00 1.15
C MET A 150 -17.42 1.96 1.12
N GLU A 151 -17.95 2.97 0.44
CA GLU A 151 -18.37 2.83 -0.94
C GLU A 151 -17.33 2.10 -1.80
N GLY A 152 -16.07 2.51 -1.67
CA GLY A 152 -15.00 1.93 -2.46
C GLY A 152 -14.69 0.51 -2.09
N ILE A 153 -14.82 0.17 -0.82
CA ILE A 153 -14.51 -1.15 -0.35
C ILE A 153 -15.59 -2.13 -0.81
N LYS A 154 -16.84 -1.71 -0.80
CA LYS A 154 -17.90 -2.51 -1.43
C LYS A 154 -17.55 -2.88 -2.87
N LEU A 155 -17.07 -1.92 -3.65
CA LEU A 155 -16.73 -2.13 -5.05
C LEU A 155 -15.53 -3.04 -5.18
N LEU A 156 -14.54 -2.85 -4.31
CA LEU A 156 -13.38 -3.72 -4.26
C LEU A 156 -13.81 -5.17 -4.05
N PHE A 157 -14.72 -5.40 -3.11
CA PHE A 157 -15.15 -6.77 -2.87
C PHE A 157 -16.02 -7.30 -4.00
N LYS A 158 -16.80 -6.44 -4.65
CA LYS A 158 -17.60 -6.86 -5.78
C LYS A 158 -16.69 -7.34 -6.92
N LEU A 159 -15.60 -6.62 -7.17
CA LEU A 159 -14.70 -6.97 -8.26
C LEU A 159 -13.94 -8.25 -7.95
N TYR A 160 -13.57 -8.46 -6.69
CA TYR A 160 -12.94 -9.69 -6.26
C TYR A 160 -13.83 -10.90 -6.56
N ALA A 161 -15.11 -10.76 -6.26
CA ALA A 161 -16.07 -11.87 -6.36
C ALA A 161 -16.53 -12.09 -7.79
N GLU A 162 -16.74 -11.00 -8.54
CA GLU A 162 -17.26 -11.07 -9.90
C GLU A 162 -16.37 -10.22 -10.80
N PRO A 163 -15.15 -10.69 -11.10
CA PRO A 163 -14.24 -9.87 -11.93
C PRO A 163 -14.78 -9.63 -13.32
N SER A 164 -14.72 -8.38 -13.77
CA SER A 164 -15.17 -7.96 -15.07
C SER A 164 -14.56 -6.62 -15.42
N TYR A 165 -14.47 -6.37 -16.70
CA TYR A 165 -13.78 -5.20 -17.19
C TYR A 165 -14.59 -3.98 -16.81
N GLU A 166 -15.91 -4.10 -16.89
CA GLU A 166 -16.79 -3.00 -16.56
C GLU A 166 -16.78 -2.65 -15.09
N THR A 167 -16.74 -3.66 -14.21
CA THR A 167 -16.68 -3.41 -12.79
C THR A 167 -15.31 -2.84 -12.41
N LEU A 168 -14.25 -3.30 -13.08
CA LEU A 168 -12.93 -2.70 -12.86
C LEU A 168 -12.98 -1.19 -13.16
N LYS A 169 -13.60 -0.83 -14.28
CA LYS A 169 -13.70 0.57 -14.67
C LYS A 169 -14.49 1.36 -13.60
N GLN A 170 -15.56 0.76 -13.08
CA GLN A 170 -16.35 1.38 -12.03
C GLN A 170 -15.52 1.61 -10.80
N MET A 171 -14.72 0.61 -10.44
CA MET A 171 -13.86 0.75 -9.25
C MET A 171 -12.85 1.88 -9.46
N LEU A 172 -12.21 1.91 -10.61
CA LEU A 172 -11.22 2.96 -10.90
C LEU A 172 -11.87 4.34 -10.89
N GLN A 173 -13.11 4.48 -11.38
CA GLN A 173 -13.84 5.76 -11.35
C GLN A 173 -14.06 6.22 -9.91
N VAL A 174 -14.23 5.30 -8.97
CA VAL A 174 -14.41 5.68 -7.58
C VAL A 174 -13.06 5.98 -6.91
N PHE A 175 -11.99 5.28 -7.30
CA PHE A 175 -10.64 5.52 -6.77
C PHE A 175 -10.11 6.91 -7.07
N LEU A 176 -10.47 7.43 -8.24
CA LEU A 176 -9.87 8.65 -8.76
C LEU A 176 -10.85 9.79 -8.71
N TYR A 177 -10.43 10.93 -8.18
CA TYR A 177 -11.25 12.13 -8.26
C TYR A 177 -11.36 12.60 -9.70
N ASP A 178 -10.21 12.73 -10.37
CA ASP A 178 -10.18 13.09 -11.80
C ASP A 178 -10.25 11.85 -12.65
N GLN A 179 -11.44 11.58 -13.19
CA GLN A 179 -11.64 10.35 -13.96
C GLN A 179 -10.96 10.35 -15.36
N SER A 180 -10.45 11.50 -15.79
CA SER A 180 -9.64 11.58 -17.02
C SER A 180 -8.25 10.95 -16.91
N LEU A 181 -7.87 10.47 -15.73
CA LEU A 181 -6.64 9.74 -15.59
C LEU A 181 -6.79 8.29 -16.02
N ILE A 182 -8.05 7.84 -16.18
CA ILE A 182 -8.33 6.45 -16.56
C ILE A 182 -8.26 6.28 -18.07
N THR A 183 -7.04 6.11 -18.56
CA THR A 183 -6.75 5.86 -19.96
C THR A 183 -6.95 4.38 -20.26
N GLU A 184 -7.09 4.06 -21.54
CA GLU A 184 -7.15 2.67 -21.97
C GLU A 184 -5.97 1.87 -21.47
N GLU A 185 -4.79 2.46 -21.54
CA GLU A 185 -3.55 1.81 -21.13
C GLU A 185 -3.66 1.31 -19.69
N LEU A 186 -4.09 2.18 -18.79
CA LEU A 186 -4.09 1.85 -17.36
C LEU A 186 -5.21 0.88 -16.98
N LEU A 187 -6.37 1.07 -17.60
CA LEU A 187 -7.50 0.15 -17.48
C LEU A 187 -7.15 -1.25 -18.01
N GLN A 188 -6.60 -1.32 -19.21
CA GLN A 188 -6.20 -2.60 -19.78
C GLN A 188 -5.10 -3.25 -18.96
N GLY A 189 -4.18 -2.43 -18.43
CA GLY A 189 -3.07 -2.93 -17.66
C GLY A 189 -3.53 -3.59 -16.37
N ARG A 190 -4.49 -2.98 -15.70
CA ARG A 190 -4.96 -3.55 -14.44
C ARG A 190 -5.79 -4.79 -14.69
N TRP A 191 -6.52 -4.75 -15.80
CA TRP A 191 -7.30 -5.88 -16.22
C TRP A 191 -6.38 -7.05 -16.48
N GLU A 192 -5.24 -6.79 -17.13
CA GLU A 192 -4.27 -7.85 -17.38
C GLU A 192 -3.74 -8.49 -16.09
N ALA A 193 -3.47 -7.68 -15.06
CA ALA A 193 -3.02 -8.18 -13.77
C ALA A 193 -4.06 -9.09 -13.12
N ILE A 194 -5.33 -8.77 -13.32
CA ILE A 194 -6.42 -9.59 -12.80
C ILE A 194 -6.54 -10.89 -13.59
N GLN A 195 -6.50 -10.76 -14.91
CA GLN A 195 -6.60 -11.94 -15.78
C GLN A 195 -5.46 -12.89 -15.62
N ARG A 196 -4.26 -12.37 -15.35
CA ARG A 196 -3.07 -13.22 -15.27
C ARG A 196 -3.01 -14.08 -14.02
N GLN A 197 -3.71 -13.67 -12.97
CA GLN A 197 -3.64 -14.41 -11.74
C GLN A 197 -5.01 -14.47 -11.05
N PRO A 198 -5.93 -15.23 -11.63
CA PRO A 198 -7.27 -15.33 -11.07
C PRO A 198 -7.28 -15.91 -9.64
N GLU A 199 -6.31 -16.73 -9.32
CA GLU A 199 -6.28 -17.35 -8.01
C GLU A 199 -6.06 -16.35 -6.90
N HIS A 200 -5.44 -15.20 -7.18
CA HIS A 200 -5.24 -14.23 -6.11
C HIS A 200 -6.60 -13.70 -5.67
N LEU A 201 -7.56 -13.61 -6.57
CA LEU A 201 -8.87 -13.01 -6.27
C LEU A 201 -9.61 -13.96 -5.29
N LYS A 202 -9.67 -15.24 -5.67
CA LYS A 202 -10.28 -16.29 -4.83
C LYS A 202 -9.68 -16.27 -3.42
N ASN A 203 -8.35 -16.28 -3.39
CA ASN A 203 -7.61 -16.33 -2.14
C ASN A 203 -7.82 -15.13 -1.24
N PHE A 204 -7.97 -13.95 -1.84
CA PHE A 204 -8.20 -12.75 -1.06
C PHE A 204 -9.55 -12.85 -0.32
N LEU A 205 -10.56 -13.34 -1.02
CA LEU A 205 -11.87 -13.51 -0.44
C LEU A 205 -11.84 -14.56 0.69
N ILE A 206 -11.11 -15.66 0.49
CA ILE A 206 -11.04 -16.68 1.55
C ILE A 206 -10.35 -16.10 2.77
N SER A 207 -9.26 -15.37 2.53
CA SER A 207 -8.53 -14.68 3.58
C SER A 207 -9.39 -13.72 4.38
N ALA A 208 -10.24 -12.99 3.68
CA ALA A 208 -11.08 -11.98 4.32
C ALA A 208 -12.12 -12.65 5.24
N GLN A 209 -12.55 -13.85 4.89
CA GLN A 209 -13.44 -14.63 5.77
C GLN A 209 -12.70 -15.07 7.03
N LYS A 210 -11.47 -15.52 6.89
CA LYS A 210 -10.66 -15.96 8.04
C LYS A 210 -10.23 -14.81 8.94
N ALA A 211 -10.05 -13.62 8.36
CA ALA A 211 -9.54 -12.50 9.12
C ALA A 211 -10.20 -11.23 8.63
N PRO A 212 -11.39 -10.91 9.19
CA PRO A 212 -12.14 -9.73 8.73
C PRO A 212 -11.38 -8.42 8.98
N LEU A 213 -11.87 -7.35 8.37
CA LEU A 213 -11.19 -6.06 8.44
C LEU A 213 -10.99 -5.58 9.89
N SER A 214 -11.91 -5.90 10.80
CA SER A 214 -11.73 -5.54 12.20
C SER A 214 -10.44 -6.11 12.79
N THR A 215 -9.98 -7.26 12.26
CA THR A 215 -8.73 -7.86 12.74
C THR A 215 -7.48 -7.04 12.37
N TRP A 216 -7.60 -6.13 11.39
CA TRP A 216 -6.48 -5.28 11.01
C TRP A 216 -6.29 -4.10 11.93
N ASP A 217 -7.21 -3.87 12.87
CA ASP A 217 -7.15 -2.61 13.63
C ASP A 217 -6.11 -2.62 14.73
N VAL A 218 -5.01 -1.91 14.48
CA VAL A 218 -3.89 -1.75 15.41
C VAL A 218 -3.91 -0.43 16.21
N THR A 219 -5.05 0.26 16.19
CA THR A 219 -5.22 1.57 16.87
C THR A 219 -4.65 1.56 18.31
N ALA A 220 -4.90 0.48 19.04
CA ALA A 220 -4.51 0.41 20.45
C ALA A 220 -3.01 0.45 20.65
N ARG A 221 -2.24 0.12 19.60
CA ARG A 221 -0.80 0.06 19.69
C ARG A 221 -0.08 1.26 19.08
N LEU A 222 -0.82 2.23 18.56
CA LEU A 222 -0.19 3.35 17.86
C LEU A 222 0.79 4.16 18.70
N GLY A 223 0.55 4.25 20.01
CA GLY A 223 1.46 4.94 20.92
C GLY A 223 2.86 4.35 20.99
N GLU A 224 3.02 3.11 20.53
CA GLU A 224 4.33 2.45 20.50
C GLU A 224 5.25 2.93 19.39
N ILE A 225 4.66 3.51 18.35
CA ILE A 225 5.44 3.92 17.17
C ILE A 225 6.38 5.09 17.46
N LYS A 226 7.69 4.84 17.32
CA LYS A 226 8.73 5.85 17.53
C LYS A 226 9.21 6.54 16.24
N ALA A 227 8.90 5.96 15.09
CA ALA A 227 9.32 6.51 13.81
C ALA A 227 8.66 7.84 13.52
N LYS A 228 9.41 8.78 12.96
CA LYS A 228 8.82 10.02 12.44
C LYS A 228 7.85 9.65 11.34
N THR A 229 6.64 10.19 11.38
CA THR A 229 5.54 9.71 10.54
C THR A 229 4.93 10.87 9.77
N PHE A 230 4.68 10.61 8.48
N PHE A 230 4.75 10.65 8.46
CA PHE A 230 4.07 11.58 7.60
CA PHE A 230 4.08 11.59 7.57
C PHE A 230 2.83 10.94 7.01
C PHE A 230 2.82 10.88 7.10
N ILE A 231 1.66 11.45 7.40
CA ILE A 231 0.35 10.86 7.03
C ILE A 231 -0.20 11.71 5.89
N THR A 232 -0.60 11.08 4.79
CA THR A 232 -1.23 11.79 3.67
C THR A 232 -2.64 11.25 3.44
N TRP A 233 -3.57 12.10 3.03
CA TRP A 233 -4.89 11.65 2.69
C TRP A 233 -5.37 12.43 1.51
N GLY A 234 -6.19 11.77 0.69
CA GLY A 234 -7.03 12.47 -0.25
C GLY A 234 -8.32 12.96 0.39
N ARG A 235 -8.64 14.23 0.18
CA ARG A 235 -9.89 14.81 0.72
C ARG A 235 -11.13 14.03 0.28
N ASP A 236 -11.03 13.48 -0.93
CA ASP A 236 -12.16 12.85 -1.58
C ASP A 236 -12.03 11.32 -1.65
N ASP A 237 -11.35 10.74 -0.66
CA ASP A 237 -11.11 9.30 -0.58
C ASP A 237 -12.41 8.60 -0.15
N ARG A 238 -12.93 7.75 -1.05
CA ARG A 238 -14.13 6.96 -0.84
C ARG A 238 -13.86 5.52 -0.40
N PHE A 239 -12.61 5.23 -0.05
CA PHE A 239 -12.18 3.90 0.42
C PHE A 239 -11.77 3.82 1.88
N VAL A 240 -11.07 4.84 2.35
CA VAL A 240 -10.61 4.90 3.72
CA VAL A 240 -10.64 4.90 3.74
C VAL A 240 -10.96 6.30 4.24
N PRO A 241 -11.57 6.39 5.44
CA PRO A 241 -12.20 7.63 5.85
C PRO A 241 -11.21 8.67 6.35
N LEU A 242 -11.43 9.91 5.90
CA LEU A 242 -10.57 11.05 6.23
C LEU A 242 -10.32 11.25 7.73
N ASP A 243 -11.30 10.95 8.59
CA ASP A 243 -11.08 11.08 10.03
C ASP A 243 -10.06 10.12 10.63
N HIS A 244 -9.71 9.06 9.91
CA HIS A 244 -8.61 8.20 10.31
C HIS A 244 -7.29 8.91 10.18
N GLY A 245 -7.18 9.90 9.31
CA GLY A 245 -5.96 10.73 9.28
C GLY A 245 -5.79 11.45 10.61
N LEU A 246 -6.90 11.94 11.17
CA LEU A 246 -6.87 12.57 12.48
C LEU A 246 -6.58 11.57 13.58
N LYS A 247 -7.18 10.38 13.50
CA LYS A 247 -6.85 9.31 14.47
C LYS A 247 -5.37 9.03 14.54
N LEU A 248 -4.72 8.96 13.39
CA LEU A 248 -3.27 8.70 13.39
C LEU A 248 -2.52 9.88 13.98
N LEU A 249 -2.95 11.09 13.65
CA LEU A 249 -2.29 12.31 14.09
C LEU A 249 -2.35 12.46 15.60
N TRP A 250 -3.46 12.06 16.19
CA TRP A 250 -3.60 12.13 17.65
C TRP A 250 -2.89 11.06 18.42
N ASN A 251 -2.67 9.91 17.81
CA ASN A 251 -2.20 8.74 18.55
C ASN A 251 -0.75 8.38 18.28
N ILE A 252 -0.17 8.83 17.17
CA ILE A 252 1.27 8.64 16.93
C ILE A 252 2.06 9.83 17.47
N ASP A 253 3.18 9.55 18.14
CA ASP A 253 3.94 10.58 18.82
C ASP A 253 4.43 11.71 17.92
N ASP A 254 5.12 11.39 16.82
CA ASP A 254 5.72 12.41 15.97
C ASP A 254 5.15 12.25 14.56
N ALA A 255 4.00 12.86 14.34
CA ALA A 255 3.28 12.75 13.07
C ALA A 255 2.90 14.12 12.54
N ARG A 256 2.66 14.21 11.25
CA ARG A 256 2.04 15.38 10.65
C ARG A 256 1.10 14.85 9.59
N LEU A 257 0.10 15.65 9.23
CA LEU A 257 -0.95 15.22 8.30
C LEU A 257 -1.04 16.20 7.16
N HIS A 258 -1.04 15.69 5.92
CA HIS A 258 -1.20 16.49 4.74
C HIS A 258 -2.37 15.96 3.97
N VAL A 259 -3.34 16.84 3.71
CA VAL A 259 -4.54 16.44 2.95
C VAL A 259 -4.58 17.17 1.61
N PHE A 260 -4.68 16.40 0.52
CA PHE A 260 -4.73 16.93 -0.84
C PHE A 260 -6.20 17.14 -1.23
N SER A 261 -6.55 18.28 -1.77
CA SER A 261 -7.87 18.49 -2.33
CA SER A 261 -7.88 18.50 -2.35
C SER A 261 -7.97 17.82 -3.71
N LYS A 262 -9.21 17.53 -4.12
CA LYS A 262 -9.46 16.94 -5.45
C LYS A 262 -8.61 15.73 -5.63
N CYS A 263 -8.81 14.76 -4.74
CA CYS A 263 -7.92 13.63 -4.67
C CYS A 263 -8.61 12.47 -4.02
N GLY A 264 -8.54 11.30 -4.65
CA GLY A 264 -9.03 10.06 -4.06
C GLY A 264 -7.99 9.34 -3.25
N GLN A 265 -7.97 8.02 -3.37
CA GLN A 265 -7.04 7.17 -2.68
C GLN A 265 -5.61 7.30 -3.13
N TRP A 266 -5.37 7.81 -4.35
CA TRP A 266 -3.99 7.81 -4.88
C TRP A 266 -3.42 9.20 -5.10
N ALA A 267 -3.08 9.92 -4.04
CA ALA A 267 -2.34 11.18 -4.19
C ALA A 267 -1.08 11.06 -4.97
N GLN A 268 -0.46 9.90 -4.87
CA GLN A 268 0.82 9.65 -5.55
C GLN A 268 0.65 9.63 -7.07
N TRP A 269 -0.56 9.36 -7.53
CA TRP A 269 -0.98 9.51 -8.94
C TRP A 269 -1.60 10.84 -9.28
N GLU A 270 -2.61 11.27 -8.55
CA GLU A 270 -3.35 12.47 -8.92
C GLU A 270 -2.58 13.74 -8.65
N HIS A 271 -1.71 13.71 -7.64
CA HIS A 271 -0.88 14.88 -7.27
C HIS A 271 0.55 14.50 -7.13
N ALA A 272 1.05 13.78 -8.14
CA ALA A 272 2.35 13.15 -8.11
C ALA A 272 3.49 14.13 -7.80
N ASP A 273 3.49 15.29 -8.44
CA ASP A 273 4.61 16.23 -8.25
C ASP A 273 4.63 16.77 -6.80
N GLU A 274 3.50 17.19 -6.28
CA GLU A 274 3.44 17.67 -4.92
C GLU A 274 3.72 16.56 -3.92
N PHE A 275 3.13 15.38 -4.13
CA PHE A 275 3.42 14.21 -3.32
C PHE A 275 4.92 13.88 -3.27
N ASN A 276 5.55 13.82 -4.44
CA ASN A 276 6.96 13.50 -4.54
C ASN A 276 7.78 14.55 -3.79
N ARG A 277 7.49 15.82 -4.00
CA ARG A 277 8.26 16.89 -3.32
C ARG A 277 8.11 16.81 -1.82
N LEU A 278 6.88 16.63 -1.34
CA LEU A 278 6.63 16.61 0.09
C LEU A 278 7.32 15.45 0.75
N VAL A 279 7.18 14.25 0.17
CA VAL A 279 7.73 13.06 0.79
C VAL A 279 9.25 13.06 0.73
N ILE A 280 9.81 13.46 -0.39
CA ILE A 280 11.27 13.59 -0.51
C ILE A 280 11.79 14.59 0.52
N ASP A 281 11.11 15.72 0.70
CA ASP A 281 11.54 16.70 1.69
C ASP A 281 11.49 16.16 3.12
N PHE A 282 10.46 15.38 3.41
CA PHE A 282 10.28 14.73 4.69
C PHE A 282 11.43 13.75 4.95
N LEU A 283 11.70 12.91 3.97
CA LEU A 283 12.79 11.95 4.13
C LEU A 283 14.14 12.66 4.30
N ARG A 284 14.38 13.74 3.57
CA ARG A 284 15.66 14.45 3.69
C ARG A 284 15.80 15.20 5.01
N HIS A 285 14.73 15.87 5.45
CA HIS A 285 14.87 16.95 6.45
C HIS A 285 14.15 16.80 7.76
N ALA A 286 13.09 16.01 7.83
CA ALA A 286 12.35 15.90 9.08
C ALA A 286 13.16 15.18 10.17
C1 MLA B . 20.09 0.83 2.53
O1A MLA B . 19.21 1.70 2.70
O1B MLA B . 20.15 0.06 1.54
C2 MLA B . 21.17 0.70 3.57
C3 MLA B . 20.68 -0.21 4.67
O3A MLA B . 21.16 -1.34 4.80
O3B MLA B . 19.81 0.21 5.49
C BEZ C . -6.75 -0.66 1.15
O1 BEZ C . -5.99 -1.25 0.34
C1 BEZ C . -7.89 -1.28 1.86
C2 BEZ C . -8.55 -0.53 2.85
C3 BEZ C . -9.62 -1.09 3.55
C4 BEZ C . -10.01 -2.39 3.25
C5 BEZ C . -9.34 -3.13 2.25
C6 BEZ C . -8.27 -2.57 1.56
CB3 HPK D . -5.96 4.23 -13.79
CB4 HPK D . -5.43 5.50 -13.66
CB5 HPK D . -4.47 5.75 -12.69
CB6 HPK D . -4.01 4.76 -11.86
CB1 HPK D . -4.55 3.47 -11.97
CB2 HPK D . -5.52 3.20 -12.95
CA6 HPK D . -4.08 2.34 -11.11
OA4 HPK D . -4.54 1.14 -11.36
CA5 HPK D . -3.15 2.42 -10.13
CA4 HPK D . -2.85 1.20 -9.37
CA3 HPK D . -2.39 1.28 -8.13
CA2 HPK D . -2.34 0.00 -7.40
OA3 HPK D . -1.84 -0.96 -7.99
CA1 HPK D . -3.01 -0.21 -6.12
OA2 HPK D . -2.36 -0.43 -5.09
OA1 HPK D . -4.27 -0.15 -6.11
#